data_5XHK
#
_entry.id   5XHK
#
_cell.length_a   32.040
_cell.length_b   52.510
_cell.length_c   71.370
_cell.angle_alpha   90.000
_cell.angle_beta   90.000
_cell.angle_gamma   90.000
#
_symmetry.space_group_name_H-M   'P 2 21 21'
#
loop_
_entity.id
_entity.type
_entity.pdbx_description
1 polymer 'Bromodomain-containing protein 2'
2 non-polymer GLYCEROL
3 non-polymer METHOXYETHANE
4 non-polymer phenanthridin-6(5H)-one
5 water water
#
_entity_poly.entity_id   1
_entity_poly.type   'polypeptide(L)'
_entity_poly.pdbx_seq_one_letter_code
;AAHGSNPEQLKHCNGILKELLSKKHAAYAWPFYKPVDASALGLHDYHDIIKHPMDLSTVKRKMENRDYRDAQEFAADVRL
MFSNCYKYNPPDHDVVAMARKLQDVFEFRYAKMPD
;
_entity_poly.pdbx_strand_id   A
#
loop_
_chem_comp.id
_chem_comp.type
_chem_comp.name
_chem_comp.formula
2ME non-polymer METHOXYETHANE 'C3 H8 O'
GOL non-polymer GLYCEROL 'C3 H8 O3'
LDR non-polymer phenanthridin-6(5H)-one 'C13 H9 N O'
#
# COMPACT_ATOMS: atom_id res chain seq x y z
N ALA A 1 -8.50 -20.71 -6.41
CA ALA A 1 -7.97 -21.98 -5.86
C ALA A 1 -6.69 -21.76 -5.09
N ALA A 2 -6.66 -22.22 -3.85
CA ALA A 2 -5.43 -22.26 -3.08
C ALA A 2 -4.40 -23.17 -3.76
N HIS A 3 -3.19 -22.63 -3.92
CA HIS A 3 -2.05 -23.35 -4.47
C HIS A 3 -1.11 -23.65 -3.31
N GLY A 4 -0.34 -24.73 -3.45
CA GLY A 4 0.65 -25.12 -2.47
C GLY A 4 1.61 -24.00 -2.10
N SER A 5 1.92 -23.15 -3.08
CA SER A 5 2.92 -22.09 -2.89
C SER A 5 2.36 -20.80 -2.27
N ASN A 6 1.04 -20.70 -2.13
CA ASN A 6 0.42 -19.47 -1.58
C ASN A 6 0.94 -19.07 -0.20
N PRO A 7 1.09 -20.03 0.76
CA PRO A 7 1.68 -19.63 2.04
C PRO A 7 3.09 -19.05 1.90
N GLU A 8 3.95 -19.69 1.12
CA GLU A 8 5.30 -19.20 0.90
C GLU A 8 5.29 -17.81 0.24
N GLN A 9 4.44 -17.65 -0.77
CA GLN A 9 4.33 -16.35 -1.44
C GLN A 9 3.78 -15.27 -0.50
N LEU A 10 2.85 -15.65 0.37
CA LEU A 10 2.35 -14.71 1.37
C LEU A 10 3.41 -14.32 2.40
N LYS A 11 4.33 -15.24 2.71
CA LYS A 11 5.49 -14.88 3.56
C LYS A 11 6.35 -13.83 2.87
N HIS A 12 6.55 -13.95 1.56
CA HIS A 12 7.30 -12.93 0.82
C HIS A 12 6.54 -11.60 0.87
N CYS A 13 5.22 -11.65 0.68
CA CYS A 13 4.39 -10.45 0.79
C CYS A 13 4.51 -9.83 2.17
N ASN A 14 4.47 -10.65 3.21
CA ASN A 14 4.62 -10.13 4.57
C ASN A 14 5.98 -9.49 4.80
N GLY A 15 7.02 -10.07 4.21
CA GLY A 15 8.36 -9.49 4.24
C GLY A 15 8.36 -8.12 3.61
N ILE A 16 7.76 -8.01 2.43
CA ILE A 16 7.65 -6.73 1.74
C ILE A 16 6.94 -5.70 2.62
N LEU A 17 5.80 -6.10 3.18
CA LEU A 17 5.01 -5.22 4.02
C LEU A 17 5.82 -4.71 5.22
N LYS A 18 6.51 -5.62 5.90
CA LYS A 18 7.40 -5.24 6.99
C LYS A 18 8.44 -4.23 6.52
N GLU A 19 9.06 -4.48 5.37
CA GLU A 19 10.01 -3.53 4.81
C GLU A 19 9.38 -2.15 4.57
N LEU A 20 8.19 -2.13 3.98
CA LEU A 20 7.52 -0.84 3.71
C LEU A 20 7.24 -0.06 4.98
N LEU A 21 7.03 -0.78 6.09
CA LEU A 21 6.76 -0.17 7.40
C LEU A 21 8.02 0.10 8.21
N SER A 22 9.18 -0.26 7.70
CA SER A 22 10.42 -0.19 8.47
C SER A 22 11.06 1.19 8.47
N LYS A 23 11.92 1.43 9.45
CA LYS A 23 12.61 2.73 9.55
C LYS A 23 13.37 3.10 8.29
N LYS A 24 13.94 2.10 7.60
CA LYS A 24 14.66 2.29 6.35
C LYS A 24 13.93 3.23 5.38
N HIS A 25 12.61 3.10 5.30
CA HIS A 25 11.83 3.83 4.31
C HIS A 25 10.94 4.91 4.89
N ALA A 26 11.10 5.19 6.18
CA ALA A 26 10.17 6.07 6.89
C ALA A 26 10.10 7.49 6.34
N ALA A 27 11.17 7.97 5.73
CA ALA A 27 11.19 9.34 5.21
C ALA A 27 10.13 9.59 4.16
N TYR A 28 9.80 8.55 3.39
CA TYR A 28 8.79 8.66 2.33
C TYR A 28 7.58 7.75 2.54
N ALA A 29 7.66 6.79 3.47
CA ALA A 29 6.52 5.88 3.69
C ALA A 29 5.45 6.45 4.62
N TRP A 30 5.82 7.42 5.46
CA TRP A 30 4.92 7.85 6.54
C TRP A 30 3.51 8.29 6.14
N PRO A 31 3.32 8.92 4.95
CA PRO A 31 1.95 9.32 4.62
C PRO A 31 1.04 8.12 4.42
N PHE A 32 1.62 6.93 4.26
CA PHE A 32 0.86 5.73 3.92
C PHE A 32 0.67 4.79 5.11
N TYR A 33 1.12 5.21 6.30
CA TYR A 33 1.08 4.35 7.47
C TYR A 33 -0.33 4.07 7.99
N LYS A 34 -1.20 5.06 7.89
CA LYS A 34 -2.52 4.99 8.51
C LYS A 34 -3.59 5.48 7.53
N PRO A 35 -4.88 5.11 7.76
CA PRO A 35 -5.90 5.63 6.87
C PRO A 35 -5.84 7.16 6.79
N VAL A 36 -6.07 7.71 5.60
CA VAL A 36 -6.17 9.15 5.44
C VAL A 36 -7.31 9.69 6.29
N ASP A 37 -6.99 10.61 7.20
CA ASP A 37 -8.01 11.31 7.96
C ASP A 37 -8.33 12.60 7.23
N ALA A 38 -9.30 12.50 6.33
CA ALA A 38 -9.62 13.58 5.41
C ALA A 38 -10.06 14.87 6.12
N SER A 39 -10.95 14.74 7.10
N SER A 39 -10.91 14.76 7.13
N SER A 39 -10.93 14.73 7.11
CA SER A 39 -11.41 15.87 7.90
CA SER A 39 -11.40 15.94 7.85
CA SER A 39 -11.41 15.88 7.88
C SER A 39 -10.22 16.57 8.54
C SER A 39 -10.36 16.58 8.77
C SER A 39 -10.27 16.58 8.61
N ALA A 40 -9.40 15.79 9.25
CA ALA A 40 -8.24 16.31 9.99
C ALA A 40 -7.28 17.08 9.09
N LEU A 41 -7.17 16.62 7.84
CA LEU A 41 -6.28 17.23 6.86
C LEU A 41 -6.96 18.30 6.02
N GLY A 42 -8.26 18.51 6.24
CA GLY A 42 -9.03 19.48 5.44
C GLY A 42 -9.29 19.06 4.01
N LEU A 43 -9.17 17.76 3.74
CA LEU A 43 -9.37 17.23 2.39
C LEU A 43 -10.82 16.81 2.24
N HIS A 44 -11.72 17.80 2.18
CA HIS A 44 -13.15 17.52 2.27
C HIS A 44 -13.72 16.89 1.03
N ASP A 45 -12.92 16.79 -0.03
CA ASP A 45 -13.33 16.10 -1.24
C ASP A 45 -12.71 14.70 -1.36
N TYR A 46 -11.93 14.28 -0.37
CA TYR A 46 -11.16 13.04 -0.50
C TYR A 46 -12.06 11.85 -0.77
N HIS A 47 -13.12 11.71 0.00
CA HIS A 47 -13.98 10.54 -0.12
C HIS A 47 -14.97 10.63 -1.29
N ASP A 48 -15.06 11.80 -1.93
CA ASP A 48 -15.80 11.91 -3.17
C ASP A 48 -14.96 11.43 -4.33
N ILE A 49 -13.64 11.55 -4.20
CA ILE A 49 -12.71 11.23 -5.29
C ILE A 49 -12.17 9.80 -5.15
N ILE A 50 -11.92 9.39 -3.91
CA ILE A 50 -11.38 8.08 -3.62
C ILE A 50 -12.48 7.17 -3.08
N LYS A 51 -12.88 6.19 -3.91
N LYS A 51 -12.89 6.20 -3.90
CA LYS A 51 -13.95 5.27 -3.54
CA LYS A 51 -13.96 5.27 -3.53
C LYS A 51 -13.49 4.15 -2.60
C LYS A 51 -13.48 4.15 -2.59
N HIS A 52 -12.22 3.78 -2.72
CA HIS A 52 -11.68 2.66 -1.95
C HIS A 52 -10.38 3.06 -1.26
N PRO A 53 -10.49 3.69 -0.08
CA PRO A 53 -9.28 4.05 0.65
C PRO A 53 -8.47 2.82 1.02
N MET A 54 -7.15 2.96 1.04
CA MET A 54 -6.27 1.85 1.46
C MET A 54 -5.00 2.45 2.05
N ASP A 55 -4.40 1.76 3.01
CA ASP A 55 -3.18 2.25 3.66
C ASP A 55 -2.46 1.05 4.23
N LEU A 56 -1.22 1.24 4.65
CA LEU A 56 -0.41 0.11 5.11
C LEU A 56 -0.90 -0.56 6.39
N SER A 57 -1.51 0.20 7.30
CA SER A 57 -2.04 -0.41 8.53
C SER A 57 -3.22 -1.37 8.22
N THR A 58 -3.99 -1.02 7.19
CA THR A 58 -5.10 -1.86 6.76
C THR A 58 -4.58 -3.12 6.07
N VAL A 59 -3.56 -2.96 5.21
CA VAL A 59 -2.91 -4.11 4.61
C VAL A 59 -2.35 -5.02 5.71
N LYS A 60 -1.73 -4.44 6.74
CA LYS A 60 -1.18 -5.23 7.84
CA LYS A 60 -1.18 -5.23 7.85
C LYS A 60 -2.28 -6.00 8.57
N ARG A 61 -3.40 -5.34 8.85
CA ARG A 61 -4.49 -6.00 9.55
C ARG A 61 -5.04 -7.17 8.72
N LYS A 62 -5.18 -6.95 7.42
CA LYS A 62 -5.68 -7.96 6.52
C LYS A 62 -4.70 -9.14 6.45
N MET A 63 -3.39 -8.87 6.43
CA MET A 63 -2.39 -9.94 6.46
C MET A 63 -2.47 -10.72 7.78
N GLU A 64 -2.52 -10.01 8.90
CA GLU A 64 -2.61 -10.66 10.21
C GLU A 64 -3.86 -11.51 10.37
N ASN A 65 -4.96 -11.07 9.79
CA ASN A 65 -6.24 -11.75 9.87
C ASN A 65 -6.41 -12.85 8.82
N ARG A 66 -5.36 -13.08 8.02
CA ARG A 66 -5.39 -14.09 6.95
CA ARG A 66 -5.38 -14.09 6.95
C ARG A 66 -6.48 -13.79 5.92
N ASP A 67 -6.74 -12.50 5.71
CA ASP A 67 -7.74 -12.04 4.74
C ASP A 67 -7.24 -12.31 3.32
N TYR A 68 -5.98 -12.00 3.04
CA TYR A 68 -5.42 -12.23 1.72
C TYR A 68 -5.22 -13.71 1.48
N ARG A 69 -5.78 -14.21 0.39
CA ARG A 69 -5.64 -15.62 0.07
C ARG A 69 -4.46 -15.90 -0.85
N ASP A 70 -3.95 -14.87 -1.50
CA ASP A 70 -2.81 -15.03 -2.40
C ASP A 70 -2.08 -13.71 -2.58
N ALA A 71 -0.90 -13.79 -3.19
CA ALA A 71 -0.02 -12.64 -3.36
C ALA A 71 -0.65 -11.56 -4.23
N GLN A 72 -1.37 -11.98 -5.27
CA GLN A 72 -1.99 -11.02 -6.17
CA GLN A 72 -2.01 -11.04 -6.19
C GLN A 72 -3.02 -10.14 -5.46
N GLU A 73 -3.77 -10.72 -4.53
CA GLU A 73 -4.75 -9.96 -3.77
C GLU A 73 -4.08 -8.92 -2.89
N PHE A 74 -2.99 -9.30 -2.24
CA PHE A 74 -2.13 -8.38 -1.47
C PHE A 74 -1.60 -7.25 -2.36
N ALA A 75 -1.00 -7.60 -3.49
CA ALA A 75 -0.43 -6.62 -4.41
C ALA A 75 -1.48 -5.63 -4.87
N ALA A 76 -2.69 -6.13 -5.14
CA ALA A 76 -3.77 -5.24 -5.60
C ALA A 76 -4.08 -4.16 -4.56
N ASP A 77 -4.07 -4.51 -3.27
CA ASP A 77 -4.30 -3.50 -2.23
C ASP A 77 -3.15 -2.51 -2.11
N VAL A 78 -1.91 -3.00 -2.18
CA VAL A 78 -0.79 -2.07 -2.06
C VAL A 78 -0.83 -1.10 -3.26
N ARG A 79 -1.13 -1.61 -4.45
CA ARG A 79 -1.16 -0.76 -5.62
C ARG A 79 -2.35 0.20 -5.58
N LEU A 80 -3.48 -0.24 -5.00
CA LEU A 80 -4.64 0.62 -4.82
C LEU A 80 -4.26 1.84 -3.96
N MET A 81 -3.51 1.60 -2.90
CA MET A 81 -3.03 2.68 -2.05
C MET A 81 -2.24 3.73 -2.86
N PHE A 82 -1.29 3.27 -3.68
CA PHE A 82 -0.54 4.20 -4.51
C PHE A 82 -1.43 4.91 -5.54
N SER A 83 -2.33 4.16 -6.18
CA SER A 83 -3.25 4.73 -7.16
C SER A 83 -4.10 5.82 -6.57
N ASN A 84 -4.57 5.63 -5.32
CA ASN A 84 -5.36 6.66 -4.66
C ASN A 84 -4.57 7.96 -4.56
N CYS A 85 -3.29 7.84 -4.21
CA CYS A 85 -2.41 9.00 -4.11
C CYS A 85 -2.24 9.70 -5.46
N TYR A 86 -2.01 8.92 -6.51
CA TYR A 86 -1.89 9.46 -7.86
C TYR A 86 -3.18 10.07 -8.38
N LYS A 87 -4.32 9.54 -7.92
CA LYS A 87 -5.61 10.07 -8.36
CA LYS A 87 -5.65 10.03 -8.33
C LYS A 87 -5.96 11.39 -7.69
N TYR A 88 -5.70 11.49 -6.40
CA TYR A 88 -6.15 12.63 -5.62
C TYR A 88 -5.28 13.87 -5.76
N ASN A 89 -3.97 13.67 -5.85
CA ASN A 89 -3.02 14.77 -5.75
C ASN A 89 -2.48 15.19 -7.09
N PRO A 90 -2.18 16.49 -7.26
CA PRO A 90 -1.45 16.93 -8.45
C PRO A 90 -0.11 16.18 -8.53
N PRO A 91 0.33 15.85 -9.75
CA PRO A 91 1.49 14.97 -9.93
C PRO A 91 2.82 15.55 -9.47
N ASP A 92 2.87 16.85 -9.22
CA ASP A 92 4.11 17.49 -8.74
C ASP A 92 4.16 17.67 -7.21
N HIS A 93 3.12 17.21 -6.52
CA HIS A 93 3.04 17.28 -5.05
CA HIS A 93 3.10 17.33 -5.06
C HIS A 93 4.09 16.37 -4.40
N ASP A 94 4.68 16.81 -3.29
CA ASP A 94 5.66 16.02 -2.56
C ASP A 94 5.14 14.61 -2.21
N VAL A 95 3.86 14.49 -1.87
CA VAL A 95 3.31 13.19 -1.46
C VAL A 95 3.32 12.20 -2.62
N VAL A 96 3.16 12.70 -3.84
CA VAL A 96 3.24 11.86 -5.03
C VAL A 96 4.67 11.38 -5.25
N ALA A 97 5.66 12.25 -5.02
CA ALA A 97 7.07 11.86 -5.12
C ALA A 97 7.39 10.76 -4.09
N MET A 98 6.81 10.89 -2.90
CA MET A 98 7.00 9.89 -1.85
CA MET A 98 6.98 9.89 -1.84
C MET A 98 6.32 8.56 -2.23
N ALA A 99 5.11 8.63 -2.77
CA ALA A 99 4.43 7.45 -3.27
C ALA A 99 5.24 6.72 -4.35
N ARG A 100 5.77 7.46 -5.31
CA ARG A 100 6.55 6.84 -6.37
C ARG A 100 7.78 6.11 -5.82
N LYS A 101 8.43 6.69 -4.83
CA LYS A 101 9.61 6.08 -4.23
C LYS A 101 9.25 4.81 -3.48
N LEU A 102 8.17 4.85 -2.69
CA LEU A 102 7.73 3.67 -1.97
C LEU A 102 7.22 2.59 -2.93
N GLN A 103 6.56 2.99 -4.00
CA GLN A 103 6.11 2.03 -4.99
C GLN A 103 7.29 1.36 -5.69
N ASP A 104 8.39 2.09 -5.90
CA ASP A 104 9.59 1.50 -6.47
CA ASP A 104 9.62 1.51 -6.45
C ASP A 104 10.11 0.39 -5.54
N VAL A 105 10.16 0.66 -4.24
CA VAL A 105 10.56 -0.36 -3.25
C VAL A 105 9.65 -1.58 -3.41
N PHE A 106 8.35 -1.34 -3.38
CA PHE A 106 7.37 -2.41 -3.50
C PHE A 106 7.53 -3.23 -4.78
N GLU A 107 7.58 -2.56 -5.93
CA GLU A 107 7.53 -3.28 -7.21
C GLU A 107 8.79 -4.09 -7.44
N PHE A 108 9.95 -3.54 -7.06
CA PHE A 108 11.20 -4.26 -7.29
C PHE A 108 11.30 -5.49 -6.41
N ARG A 109 10.80 -5.41 -5.18
CA ARG A 109 10.82 -6.59 -4.33
C ARG A 109 9.69 -7.58 -4.63
N TYR A 110 8.52 -7.07 -5.00
CA TYR A 110 7.43 -7.94 -5.43
C TYR A 110 7.86 -8.79 -6.62
N ALA A 111 8.62 -8.18 -7.53
CA ALA A 111 9.15 -8.87 -8.71
C ALA A 111 10.09 -10.03 -8.36
N LYS A 112 10.62 -10.08 -7.14
CA LYS A 112 11.51 -11.16 -6.68
C LYS A 112 10.75 -12.30 -5.99
N MET A 113 9.43 -12.29 -6.10
CA MET A 113 8.65 -13.25 -5.39
CA MET A 113 8.55 -13.30 -5.54
C MET A 113 8.97 -14.72 -5.94
N PRO A 114 9.18 -15.62 -4.95
CA PRO A 114 9.47 -17.02 -5.33
C PRO A 114 8.29 -17.68 -6.04
N ASP A 115 8.57 -18.46 -7.08
CA ASP A 115 7.55 -19.18 -7.84
C ASP A 115 8.09 -20.46 -8.48
C1 GOL B . -12.06 -7.26 -0.01
O1 GOL B . -10.94 -6.48 -0.45
C2 GOL B . -11.59 -8.57 0.59
O2 GOL B . -10.77 -8.33 1.74
C3 GOL B . -12.79 -9.46 0.91
O3 GOL B . -12.46 -10.60 1.72
C1 GOL C . 4.76 2.54 10.96
O1 GOL C . 5.89 1.73 10.64
C2 GOL C . 4.95 3.12 12.36
O2 GOL C . 3.90 4.07 12.65
C3 GOL C . 6.29 3.83 12.48
O3 GOL C . 6.21 4.95 13.38
CA' 2ME D . 1.75 13.98 3.23
CB' 2ME D . 1.52 15.19 2.35
OC' 2ME D . 2.53 16.17 2.61
CD' 2ME D . 3.80 15.80 2.07
OAA LDR E . -2.65 11.01 -0.88
OAA LDR E . -0.85 12.55 4.88
CAB LDR E . -2.47 16.37 1.27
CAB LDR E . -2.94 16.53 1.06
CAC LDR E . -1.61 9.75 2.98
CAC LDR E . -1.41 9.79 1.85
CAD LDR E . -2.14 16.05 2.58
CAD LDR E . -3.14 15.64 0.01
CAE LDR E . -1.45 10.73 3.96
CAE LDR E . -1.92 10.24 0.66
CAF LDR E . -2.63 15.37 0.32
CAF LDR E . -2.43 16.06 2.27
CAG LDR E . -1.95 10.06 1.66
CAG LDR E . -1.22 10.69 2.89
CAH LDR E . -1.96 14.72 2.94
CAH LDR E . -2.84 14.29 0.17
CAI LDR E . -1.61 12.05 3.62
CAI LDR E . -2.21 11.59 0.53
NAJ LDR E . -2.62 13.09 -0.23
NAJ LDR E . -1.62 14.25 3.61
CAK LDR E . -2.45 11.79 0.06
CAK LDR E . -1.32 12.94 3.79
CAL LDR E . -2.46 14.05 0.68
CAL LDR E . -2.12 14.71 2.43
CAM LDR E . -2.11 11.38 1.32
CAM LDR E . -1.51 12.04 2.75
CAN LDR E . -2.12 13.72 1.99
CAN LDR E . -2.33 13.84 1.38
CAO LDR E . -1.95 12.37 2.31
CAO LDR E . -2.02 12.50 1.55
#